data_3DWP
#
_entry.id   3DWP
#
_cell.length_a   96.900
_cell.length_b   96.900
_cell.length_c   165.622
_cell.angle_alpha   90.00
_cell.angle_beta   90.00
_cell.angle_gamma   120.00
#
_symmetry.space_group_name_H-M   'P 65'
#
loop_
_entity.id
_entity.type
_entity.pdbx_description
1 polymer 'Subtilase cytotoxin, subunit B'
2 non-polymer 'N-glycolyl-alpha-neuraminic acid'
3 non-polymer 'PENTAETHYLENE GLYCOL'
4 water water
#
_entity_poly.entity_id   1
_entity_poly.type   'polypeptide(L)'
_entity_poly.pdbx_seq_one_letter_code
;EWTGDARDGMFSGVVITQFHTGQIDNKPYFCIEGKQSAGSSISACSMKNSSVWGASFSTLYNQALYFYTTGQPVRIYYEP
GVWTYPPFVKALTSNALVGLSTCTTSTECFGPDRKKNSLEHHHHHH
;
_entity_poly.pdbx_strand_id   A,B,C,D,E
#
# COMPACT_ATOMS: atom_id res chain seq x y z
N GLU A 1 16.91 7.26 -21.41
CA GLU A 1 15.51 7.68 -21.73
C GLU A 1 14.97 8.52 -20.59
N TRP A 2 13.93 9.29 -20.88
CA TRP A 2 13.30 10.16 -19.90
C TRP A 2 11.88 10.42 -20.33
N THR A 3 10.96 10.37 -19.36
CA THR A 3 9.59 10.84 -19.56
C THR A 3 9.52 12.17 -20.34
N GLY A 4 10.43 13.09 -20.06
CA GLY A 4 10.41 14.41 -20.69
C GLY A 4 11.17 14.54 -22.02
N ASP A 5 11.67 13.42 -22.56
CA ASP A 5 12.30 13.42 -23.88
C ASP A 5 11.38 14.09 -24.91
N ALA A 6 11.99 14.76 -25.88
CA ALA A 6 11.26 15.44 -26.92
C ALA A 6 10.80 14.41 -27.97
N ARG A 7 9.69 13.74 -27.64
CA ARG A 7 9.17 12.61 -28.40
C ARG A 7 7.65 12.62 -28.30
N ASP A 8 6.96 11.86 -29.16
CA ASP A 8 5.54 11.54 -28.90
C ASP A 8 5.49 10.66 -27.65
N GLY A 9 4.55 10.92 -26.75
CA GLY A 9 3.76 12.15 -26.71
C GLY A 9 3.13 12.36 -25.34
N MET A 10 2.18 13.29 -25.27
CA MET A 10 1.47 13.58 -24.04
C MET A 10 0.08 14.13 -24.36
N PHE A 11 -0.90 13.74 -23.55
CA PHE A 11 -2.24 14.30 -23.60
C PHE A 11 -2.48 14.93 -22.23
N SER A 12 -2.75 16.22 -22.22
CA SER A 12 -3.02 16.98 -20.97
C SER A 12 -4.52 17.14 -20.73
N GLY A 13 -4.89 17.28 -19.46
CA GLY A 13 -6.29 17.48 -19.06
C GLY A 13 -7.21 16.30 -19.31
N VAL A 14 -6.65 15.09 -19.15
CA VAL A 14 -7.38 13.83 -19.29
C VAL A 14 -7.94 13.28 -17.95
N VAL A 15 -9.21 12.91 -17.94
CA VAL A 15 -9.78 12.18 -16.83
C VAL A 15 -9.70 10.69 -17.16
N ILE A 16 -9.03 9.93 -16.28
CA ILE A 16 -8.93 8.48 -16.43
C ILE A 16 -10.28 7.83 -16.14
N THR A 17 -10.90 7.27 -17.18
CA THR A 17 -12.26 6.73 -17.10
C THR A 17 -12.35 5.21 -17.09
N GLN A 18 -11.29 4.54 -17.57
CA GLN A 18 -11.33 3.09 -17.70
C GLN A 18 -10.04 2.51 -17.13
N PHE A 19 -10.13 1.30 -16.58
CA PHE A 19 -8.97 0.64 -15.98
C PHE A 19 -9.05 -0.86 -16.23
N HIS A 20 -7.92 -1.45 -16.60
CA HIS A 20 -7.82 -2.86 -16.92
C HIS A 20 -6.50 -3.39 -16.39
N THR A 21 -6.59 -4.50 -15.67
CA THR A 21 -5.38 -5.23 -15.28
C THR A 21 -5.42 -6.66 -15.86
N GLY A 22 -4.27 -7.16 -16.29
CA GLY A 22 -4.20 -8.56 -16.68
C GLY A 22 -2.80 -9.12 -16.60
N GLN A 23 -2.59 -10.23 -17.29
CA GLN A 23 -1.26 -10.84 -17.37
C GLN A 23 -0.92 -11.20 -18.82
N ILE A 24 0.35 -10.99 -19.18
CA ILE A 24 0.94 -11.47 -20.43
C ILE A 24 2.40 -11.93 -20.18
N ASP A 25 2.72 -13.12 -20.67
CA ASP A 25 4.09 -13.67 -20.60
C ASP A 25 4.69 -13.55 -19.22
N ASN A 26 3.94 -14.00 -18.22
CA ASN A 26 4.41 -14.07 -16.84
C ASN A 26 4.63 -12.71 -16.18
N LYS A 27 4.04 -11.67 -16.76
CA LYS A 27 4.15 -10.30 -16.24
C LYS A 27 2.77 -9.74 -16.12
N PRO A 28 2.41 -9.22 -14.93
CA PRO A 28 1.23 -8.38 -14.79
C PRO A 28 1.38 -7.05 -15.58
N TYR A 29 0.25 -6.56 -16.09
CA TYR A 29 0.20 -5.26 -16.75
C TYR A 29 -1.08 -4.56 -16.34
N PHE A 30 -1.13 -3.24 -16.55
CA PHE A 30 -2.39 -2.52 -16.48
C PHE A 30 -2.49 -1.57 -17.66
N CYS A 31 -3.73 -1.25 -18.03
CA CYS A 31 -4.01 -0.21 -18.99
C CYS A 31 -5.03 0.79 -18.46
N ILE A 32 -4.92 2.01 -18.93
CA ILE A 32 -5.88 3.06 -18.63
C ILE A 32 -6.38 3.68 -19.95
N GLU A 33 -7.59 4.21 -19.93
CA GLU A 33 -8.10 5.01 -21.03
C GLU A 33 -8.61 6.28 -20.39
N GLY A 34 -8.45 7.38 -21.10
CA GLY A 34 -9.01 8.65 -20.65
C GLY A 34 -9.45 9.53 -21.79
N LYS A 35 -10.45 10.37 -21.53
CA LYS A 35 -10.88 11.38 -22.49
C LYS A 35 -10.65 12.80 -21.97
N GLN A 36 -10.24 13.65 -22.90
CA GLN A 36 -10.27 15.09 -22.68
C GLN A 36 -11.68 15.63 -22.83
N SER A 37 -11.92 16.82 -22.28
CA SER A 37 -13.14 17.59 -22.54
C SER A 37 -13.53 17.55 -24.03
N ALA A 38 -12.54 17.77 -24.90
CA ALA A 38 -12.66 17.64 -26.36
C ALA A 38 -13.05 16.25 -26.92
N GLY A 39 -13.16 15.24 -26.04
CA GLY A 39 -13.57 13.89 -26.47
C GLY A 39 -12.48 13.01 -27.09
N SER A 40 -11.35 13.64 -27.44
CA SER A 40 -10.10 12.93 -27.82
C SER A 40 -9.64 11.90 -26.76
N SER A 41 -9.50 10.65 -27.19
CA SER A 41 -9.21 9.51 -26.30
C SER A 41 -7.75 9.07 -26.34
N ILE A 42 -7.26 8.59 -25.20
CA ILE A 42 -5.91 8.05 -25.10
C ILE A 42 -5.84 6.78 -24.23
N SER A 43 -5.21 5.74 -24.78
CA SER A 43 -4.93 4.51 -24.03
C SER A 43 -3.44 4.32 -23.93
N ALA A 44 -3.01 3.74 -22.81
CA ALA A 44 -1.61 3.41 -22.55
C ALA A 44 -1.50 2.35 -21.47
N CYS A 45 -0.55 1.45 -21.65
CA CYS A 45 -0.32 0.35 -20.76
C CYS A 45 1.06 0.40 -20.14
N SER A 46 1.13 -0.08 -18.90
CA SER A 46 2.41 -0.30 -18.21
C SER A 46 2.54 -1.79 -17.92
N MET A 47 3.75 -2.33 -18.10
CA MET A 47 4.03 -3.74 -17.87
C MET A 47 5.16 -3.92 -16.86
N LYS A 48 4.98 -4.82 -15.88
CA LYS A 48 6.00 -5.07 -14.85
C LYS A 48 7.24 -5.70 -15.43
N ASN A 49 8.40 -5.15 -15.08
CA ASN A 49 9.71 -5.71 -15.48
C ASN A 49 9.93 -5.69 -16.99
N SER A 50 9.16 -4.88 -17.71
CA SER A 50 9.31 -4.79 -19.17
C SER A 50 10.69 -4.20 -19.58
N SER A 51 10.98 -4.20 -20.87
CA SER A 51 12.29 -3.74 -21.33
C SER A 51 12.64 -2.34 -20.82
N VAL A 52 12.14 -1.31 -21.51
CA VAL A 52 12.53 0.07 -21.21
C VAL A 52 11.75 0.71 -20.04
N TRP A 53 10.42 0.64 -20.07
CA TRP A 53 9.57 1.39 -19.10
C TRP A 53 9.08 0.58 -17.88
N GLY A 54 9.58 -0.64 -17.71
CA GLY A 54 9.10 -1.57 -16.67
C GLY A 54 9.47 -1.22 -15.24
N ALA A 55 10.53 -0.44 -15.07
CA ALA A 55 10.94 0.05 -13.74
C ALA A 55 9.88 0.95 -13.08
N SER A 56 8.99 1.50 -13.90
CA SER A 56 7.97 2.45 -13.47
C SER A 56 6.62 1.82 -13.16
N PHE A 57 6.44 0.54 -13.50
CA PHE A 57 5.14 -0.16 -13.32
C PHE A 57 4.43 0.16 -11.99
N SER A 58 5.17 0.01 -10.90
CA SER A 58 4.65 0.05 -9.56
C SER A 58 4.15 1.44 -9.19
N THR A 59 4.96 2.46 -9.52
CA THR A 59 4.61 3.86 -9.27
C THR A 59 3.45 4.32 -10.16
N LEU A 60 3.49 3.93 -11.43
CA LEU A 60 2.44 4.31 -12.36
C LEU A 60 1.09 3.64 -12.03
N TYR A 61 1.13 2.37 -11.62
CA TYR A 61 -0.08 1.65 -11.21
C TYR A 61 -0.74 2.34 -10.03
N ASN A 62 0.06 2.57 -8.99
CA ASN A 62 -0.33 3.35 -7.83
C ASN A 62 -0.95 4.72 -8.21
N GLN A 63 -0.22 5.51 -9.00
CA GLN A 63 -0.66 6.86 -9.39
C GLN A 63 -1.91 6.85 -10.26
N ALA A 64 -1.93 5.94 -11.25
CA ALA A 64 -3.08 5.79 -12.16
C ALA A 64 -4.39 5.41 -11.44
N LEU A 65 -4.29 4.46 -10.51
CA LEU A 65 -5.45 4.05 -9.70
C LEU A 65 -5.92 5.19 -8.81
N TYR A 66 -4.95 5.90 -8.23
CA TYR A 66 -5.19 7.10 -7.46
C TYR A 66 -5.99 8.13 -8.27
N PHE A 67 -5.46 8.48 -9.44
CA PHE A 67 -6.13 9.42 -10.37
C PHE A 67 -7.50 8.93 -10.91
N TYR A 68 -7.62 7.64 -11.16
CA TYR A 68 -8.89 7.06 -11.57
C TYR A 68 -9.93 7.29 -10.46
N THR A 69 -9.47 7.20 -9.21
CA THR A 69 -10.29 7.34 -8.00
C THR A 69 -10.77 8.79 -7.77
N THR A 70 -9.85 9.75 -7.81
CA THR A 70 -10.22 11.16 -7.62
C THR A 70 -11.03 11.76 -8.79
N GLY A 71 -10.83 11.23 -9.99
CA GLY A 71 -11.52 11.72 -11.18
C GLY A 71 -10.93 13.03 -11.67
N GLN A 72 -9.72 13.37 -11.21
CA GLN A 72 -9.11 14.66 -11.54
C GLN A 72 -8.46 14.60 -12.92
N PRO A 73 -8.41 15.73 -13.63
CA PRO A 73 -7.80 15.80 -14.97
C PRO A 73 -6.29 15.81 -14.86
N VAL A 74 -5.63 14.94 -15.63
CA VAL A 74 -4.20 14.68 -15.46
C VAL A 74 -3.50 14.62 -16.79
N ARG A 75 -2.17 14.66 -16.78
CA ARG A 75 -1.46 14.50 -18.05
C ARG A 75 -1.02 13.05 -18.21
N ILE A 76 -1.32 12.45 -19.36
CA ILE A 76 -0.83 11.12 -19.69
C ILE A 76 0.38 11.26 -20.61
N TYR A 77 1.53 10.81 -20.13
CA TYR A 77 2.71 10.73 -20.93
C TYR A 77 2.78 9.33 -21.49
N TYR A 78 3.06 9.20 -22.79
CA TYR A 78 3.11 7.89 -23.44
C TYR A 78 4.21 7.77 -24.52
N GLU A 79 4.59 6.54 -24.83
CA GLU A 79 5.43 6.25 -26.00
C GLU A 79 4.70 5.27 -26.93
N PRO A 80 4.32 5.73 -28.13
CA PRO A 80 3.66 4.83 -29.08
C PRO A 80 4.59 3.72 -29.62
N GLY A 81 3.99 2.64 -30.08
CA GLY A 81 4.71 1.56 -30.74
C GLY A 81 5.56 0.68 -29.84
N VAL A 82 5.29 0.66 -28.54
CA VAL A 82 6.10 -0.15 -27.62
C VAL A 82 5.66 -1.64 -27.55
N TRP A 83 4.36 -1.87 -27.34
CA TRP A 83 3.84 -3.25 -27.24
C TRP A 83 3.62 -3.72 -28.66
N THR A 84 3.98 -4.97 -28.90
CA THR A 84 4.08 -5.46 -30.27
C THR A 84 3.32 -6.74 -30.58
N TYR A 85 2.93 -7.49 -29.54
CA TYR A 85 2.11 -8.69 -29.72
C TYR A 85 0.81 -8.26 -30.38
N PRO A 86 0.57 -8.69 -31.64
CA PRO A 86 -0.53 -8.14 -32.40
C PRO A 86 -1.93 -8.23 -31.78
N PRO A 87 -2.33 -9.40 -31.23
CA PRO A 87 -3.61 -9.39 -30.54
C PRO A 87 -3.72 -8.37 -29.39
N PHE A 88 -2.63 -8.09 -28.70
CA PHE A 88 -2.59 -7.12 -27.59
C PHE A 88 -2.75 -5.68 -28.12
N VAL A 89 -2.00 -5.35 -29.16
CA VAL A 89 -2.06 -4.04 -29.83
C VAL A 89 -3.47 -3.74 -30.33
N LYS A 90 -4.06 -4.72 -31.01
CA LYS A 90 -5.39 -4.67 -31.56
C LYS A 90 -6.49 -4.43 -30.51
N ALA A 91 -6.45 -5.20 -29.41
CA ALA A 91 -7.46 -5.09 -28.33
C ALA A 91 -7.29 -3.87 -27.43
N LEU A 92 -6.04 -3.41 -27.32
CA LEU A 92 -5.67 -2.38 -26.37
C LEU A 92 -4.94 -1.25 -27.10
N THR A 93 -3.60 -1.28 -27.07
CA THR A 93 -2.79 -0.22 -27.62
C THR A 93 -1.32 -0.68 -27.67
N SER A 94 -0.54 -0.02 -28.52
CA SER A 94 0.92 -0.17 -28.57
C SER A 94 1.62 0.81 -27.62
N ASN A 95 0.85 1.79 -27.13
CA ASN A 95 1.37 2.85 -26.23
C ASN A 95 1.78 2.35 -24.86
N ALA A 96 3.03 2.66 -24.47
CA ALA A 96 3.46 2.50 -23.09
C ALA A 96 3.12 3.76 -22.31
N LEU A 97 2.63 3.58 -21.08
CA LEU A 97 2.49 4.71 -20.14
C LEU A 97 3.87 5.03 -19.54
N VAL A 98 4.30 6.29 -19.63
CA VAL A 98 5.68 6.66 -19.27
C VAL A 98 5.79 7.74 -18.18
N GLY A 99 4.64 8.23 -17.74
CA GLY A 99 4.61 9.22 -16.69
C GLY A 99 3.20 9.76 -16.52
N LEU A 100 3.00 10.46 -15.42
CA LEU A 100 1.71 11.07 -15.08
C LEU A 100 1.97 12.35 -14.32
N SER A 101 1.08 13.32 -14.50
CA SER A 101 1.11 14.61 -13.80
C SER A 101 -0.30 15.11 -13.52
N THR A 102 -0.46 15.79 -12.37
CA THR A 102 -1.64 16.61 -12.09
C THR A 102 -1.63 17.84 -13.04
N CYS A 103 -2.78 18.46 -13.22
CA CYS A 103 -2.92 19.61 -14.11
C CYS A 103 -3.58 20.80 -13.43
N THR A 104 -3.22 22.00 -13.86
CA THR A 104 -3.91 23.23 -13.43
C THR A 104 -4.98 23.61 -14.48
N THR A 105 -4.67 23.42 -15.76
CA THR A 105 -5.67 23.62 -16.80
C THR A 105 -5.72 22.41 -17.75
N SER A 106 -6.51 22.53 -18.81
CA SER A 106 -6.71 21.46 -19.76
C SER A 106 -5.43 21.30 -20.56
N THR A 107 -4.59 22.35 -20.53
CA THR A 107 -3.34 22.34 -21.26
C THR A 107 -2.08 22.45 -20.39
N GLU A 108 -2.24 22.99 -19.19
CA GLU A 108 -1.09 23.23 -18.32
C GLU A 108 -1.08 22.27 -17.14
N CYS A 109 0.01 21.50 -17.06
CA CYS A 109 0.16 20.41 -16.11
C CYS A 109 1.57 20.41 -15.60
N PHE A 110 1.72 19.95 -14.37
CA PHE A 110 3.02 19.95 -13.68
C PHE A 110 3.99 18.97 -14.37
N GLY A 111 5.27 19.33 -14.46
CA GLY A 111 6.24 18.41 -15.04
C GLY A 111 6.70 18.87 -16.41
N PRO A 112 7.49 18.01 -17.11
CA PRO A 112 8.04 18.34 -18.43
C PRO A 112 7.04 18.23 -19.55
N ASP A 113 7.39 18.78 -20.72
CA ASP A 113 6.67 18.44 -21.93
C ASP A 113 7.28 17.16 -22.46
N ARG A 114 6.44 16.31 -23.05
CA ARG A 114 6.93 15.22 -23.91
C ARG A 114 6.41 15.48 -25.31
N LYS A 115 7.21 16.15 -26.13
CA LYS A 115 6.79 16.46 -27.52
C LYS A 115 7.92 16.54 -28.55
N LYS A 116 7.68 16.00 -29.74
CA LYS A 116 8.61 16.13 -30.87
C LYS A 116 8.95 17.60 -31.13
N GLU B 1 -0.40 -28.13 3.68
CA GLU B 1 -1.41 -27.43 4.52
C GLU B 1 -2.41 -26.61 3.66
N TRP B 2 -3.60 -26.37 4.21
CA TRP B 2 -4.58 -25.52 3.57
C TRP B 2 -5.51 -24.93 4.61
N THR B 3 -5.68 -23.61 4.56
CA THR B 3 -6.75 -22.92 5.27
C THR B 3 -8.03 -23.75 5.47
N GLY B 4 -8.47 -24.44 4.42
CA GLY B 4 -9.74 -25.15 4.50
C GLY B 4 -9.66 -26.61 4.90
N ASP B 5 -8.52 -27.03 5.44
CA ASP B 5 -8.32 -28.36 5.99
C ASP B 5 -9.38 -28.64 7.07
N ALA B 6 -9.77 -29.90 7.19
CA ALA B 6 -10.70 -30.32 8.24
C ALA B 6 -10.00 -30.42 9.62
N ARG B 7 -9.75 -29.26 10.23
CA ARG B 7 -9.21 -29.18 11.60
C ARG B 7 -9.71 -27.94 12.35
N ASP B 8 -9.33 -27.78 13.61
CA ASP B 8 -9.61 -26.54 14.32
C ASP B 8 -8.83 -25.42 13.67
N GLY B 9 -9.49 -24.32 13.34
CA GLY B 9 -10.92 -24.14 13.48
C GLY B 9 -11.26 -22.80 12.83
N MET B 10 -12.52 -22.37 12.96
CA MET B 10 -12.97 -21.11 12.43
C MET B 10 -14.01 -20.51 13.35
N PHE B 11 -14.08 -19.19 13.34
CA PHE B 11 -15.10 -18.41 14.03
C PHE B 11 -15.70 -17.52 12.97
N SER B 12 -17.02 -17.61 12.76
CA SER B 12 -17.74 -16.88 11.72
C SER B 12 -18.48 -15.71 12.34
N GLY B 13 -18.71 -14.65 11.57
CA GLY B 13 -19.51 -13.52 12.03
C GLY B 13 -18.80 -12.68 13.08
N VAL B 14 -17.48 -12.73 13.06
CA VAL B 14 -16.64 -11.99 13.97
C VAL B 14 -16.41 -10.55 13.50
N VAL B 15 -16.69 -9.59 14.37
CA VAL B 15 -16.24 -8.24 14.18
C VAL B 15 -14.88 -8.02 14.87
N ILE B 16 -13.90 -7.58 14.08
CA ILE B 16 -12.54 -7.29 14.55
C ILE B 16 -12.58 -5.93 15.23
N THR B 17 -12.19 -5.93 16.51
CA THR B 17 -12.38 -4.78 17.38
C THR B 17 -11.07 -4.26 17.92
N GLN B 18 -10.03 -5.10 17.84
CA GLN B 18 -8.72 -4.75 18.41
C GLN B 18 -7.64 -5.18 17.44
N PHE B 19 -6.55 -4.42 17.43
CA PHE B 19 -5.46 -4.64 16.50
C PHE B 19 -4.14 -4.35 17.21
N HIS B 20 -3.19 -5.27 17.10
CA HIS B 20 -1.89 -5.09 17.73
C HIS B 20 -0.80 -5.50 16.76
N THR B 21 0.33 -4.80 16.85
CA THR B 21 1.44 -4.91 15.94
C THR B 21 2.69 -4.87 16.83
N GLY B 22 3.62 -5.79 16.63
CA GLY B 22 4.84 -5.83 17.39
C GLY B 22 5.91 -6.60 16.64
N GLN B 23 6.98 -6.96 17.33
CA GLN B 23 8.06 -7.76 16.75
C GLN B 23 8.53 -8.80 17.77
N ILE B 24 8.96 -9.96 17.25
CA ILE B 24 9.57 -11.02 18.05
C ILE B 24 10.61 -11.73 17.17
N ASP B 25 11.82 -11.92 17.72
CA ASP B 25 12.92 -12.62 17.05
C ASP B 25 13.15 -12.18 15.61
N ASN B 26 13.34 -10.88 15.43
CA ASN B 26 13.60 -10.27 14.13
C ASN B 26 12.44 -10.38 13.14
N LYS B 27 11.21 -10.57 13.65
CA LYS B 27 10.02 -10.71 12.81
C LYS B 27 8.84 -9.87 13.25
N PRO B 28 8.31 -9.03 12.35
CA PRO B 28 7.08 -8.30 12.65
C PRO B 28 5.90 -9.28 12.66
N TYR B 29 4.94 -9.04 13.54
CA TYR B 29 3.74 -9.87 13.57
C TYR B 29 2.61 -8.89 13.85
N PHE B 30 1.39 -9.25 13.49
CA PHE B 30 0.25 -8.51 13.99
C PHE B 30 -0.64 -9.55 14.63
N CYS B 31 -1.55 -9.04 15.43
CA CYS B 31 -2.41 -9.89 16.17
C CYS B 31 -3.78 -9.14 16.17
N ILE B 32 -4.87 -9.87 16.03
CA ILE B 32 -6.22 -9.29 16.03
C ILE B 32 -7.07 -9.95 17.09
N GLU B 33 -8.12 -9.25 17.49
CA GLU B 33 -9.08 -9.81 18.37
C GLU B 33 -10.45 -9.38 17.91
N GLY B 34 -11.36 -10.33 17.90
CA GLY B 34 -12.72 -10.02 17.52
C GLY B 34 -13.75 -10.65 18.40
N LYS B 35 -14.96 -10.13 18.31
CA LYS B 35 -16.11 -10.61 19.04
C LYS B 35 -17.15 -11.19 18.09
N GLN B 36 -17.63 -12.39 18.40
CA GLN B 36 -18.84 -12.88 17.76
C GLN B 36 -20.00 -12.23 18.51
N SER B 37 -21.20 -12.25 17.96
CA SER B 37 -22.38 -11.90 18.78
C SER B 37 -23.47 -12.84 18.39
N ALA B 38 -23.73 -13.83 19.25
CA ALA B 38 -22.82 -14.35 20.32
C ALA B 38 -22.24 -13.47 21.49
N GLY B 39 -21.01 -12.98 21.37
CA GLY B 39 -20.34 -12.19 22.44
C GLY B 39 -18.98 -12.71 22.85
N SER B 40 -18.62 -13.89 22.34
CA SER B 40 -17.35 -14.57 22.67
C SER B 40 -16.12 -14.17 21.80
N SER B 41 -14.92 -14.32 22.38
CA SER B 41 -13.68 -13.77 21.77
C SER B 41 -12.77 -14.77 21.08
N ILE B 42 -12.17 -14.31 19.99
CA ILE B 42 -11.13 -15.07 19.30
C ILE B 42 -9.98 -14.09 19.07
N SER B 43 -8.77 -14.51 19.41
CA SER B 43 -7.57 -13.81 19.01
C SER B 43 -6.76 -14.73 18.10
N ALA B 44 -6.05 -14.12 17.15
CA ALA B 44 -5.17 -14.85 16.25
C ALA B 44 -4.05 -13.91 15.80
N CYS B 45 -2.86 -14.46 15.60
CA CYS B 45 -1.74 -13.65 15.11
C CYS B 45 -1.18 -14.20 13.84
N SER B 46 -0.75 -13.28 12.98
CA SER B 46 0.09 -13.62 11.86
C SER B 46 1.49 -13.03 12.05
N MET B 47 2.51 -13.76 11.63
CA MET B 47 3.88 -13.34 11.81
C MET B 47 4.67 -13.49 10.51
N LYS B 48 5.36 -12.43 10.09
CA LYS B 48 6.16 -12.46 8.87
C LYS B 48 7.19 -13.57 8.91
N ASN B 49 7.28 -14.33 7.81
CA ASN B 49 8.22 -15.45 7.68
C ASN B 49 8.13 -16.51 8.77
N SER B 50 7.02 -16.58 9.51
CA SER B 50 6.83 -17.68 10.44
C SER B 50 6.81 -18.99 9.64
N SER B 51 7.08 -20.09 10.32
CA SER B 51 7.39 -21.35 9.65
C SER B 51 6.34 -21.90 8.69
N VAL B 52 5.13 -22.18 9.17
CA VAL B 52 4.10 -22.79 8.30
C VAL B 52 3.24 -21.77 7.54
N TRP B 53 2.86 -20.71 8.24
CA TRP B 53 1.82 -19.81 7.79
C TRP B 53 2.36 -18.42 7.47
N GLY B 54 3.69 -18.30 7.41
CA GLY B 54 4.35 -17.03 7.20
C GLY B 54 4.20 -16.44 5.81
N ALA B 55 3.98 -17.31 4.81
CA ALA B 55 3.75 -16.90 3.43
C ALA B 55 2.56 -15.94 3.30
N SER B 56 1.64 -16.05 4.25
CA SER B 56 0.38 -15.31 4.27
C SER B 56 0.37 -13.99 5.02
N PHE B 57 1.47 -13.69 5.73
CA PHE B 57 1.56 -12.45 6.54
C PHE B 57 1.03 -11.17 5.86
N SER B 58 1.61 -10.82 4.70
CA SER B 58 1.34 -9.51 4.10
C SER B 58 -0.11 -9.41 3.62
N THR B 59 -0.64 -10.51 3.08
CA THR B 59 -2.03 -10.60 2.63
C THR B 59 -3.02 -10.46 3.79
N LEU B 60 -2.76 -11.21 4.85
CA LEU B 60 -3.62 -11.20 6.03
C LEU B 60 -3.55 -9.87 6.78
N TYR B 61 -2.35 -9.27 6.84
CA TYR B 61 -2.21 -7.94 7.48
C TYR B 61 -3.14 -6.94 6.81
N ASN B 62 -3.01 -6.84 5.49
CA ASN B 62 -3.80 -5.94 4.66
C ASN B 62 -5.30 -6.16 4.86
N GLN B 63 -5.70 -7.43 4.68
CA GLN B 63 -7.06 -7.89 4.78
C GLN B 63 -7.65 -7.67 6.18
N ALA B 64 -6.90 -8.01 7.23
CA ALA B 64 -7.35 -7.78 8.60
C ALA B 64 -7.53 -6.29 8.92
N LEU B 65 -6.60 -5.45 8.48
CA LEU B 65 -6.69 -4.02 8.69
C LEU B 65 -7.88 -3.43 7.94
N TYR B 66 -8.09 -3.92 6.72
CA TYR B 66 -9.28 -3.59 5.94
C TYR B 66 -10.57 -3.88 6.73
N PHE B 67 -10.71 -5.12 7.23
CA PHE B 67 -11.91 -5.54 7.94
C PHE B 67 -12.08 -4.90 9.33
N TYR B 68 -10.97 -4.64 10.02
CA TYR B 68 -11.01 -3.82 11.22
C TYR B 68 -11.60 -2.43 10.95
N THR B 69 -11.24 -1.86 9.80
CA THR B 69 -11.69 -0.55 9.37
C THR B 69 -13.18 -0.52 9.01
N THR B 70 -13.68 -1.50 8.27
CA THR B 70 -15.09 -1.50 7.88
C THR B 70 -16.02 -1.95 9.00
N GLY B 71 -15.52 -2.80 9.91
CA GLY B 71 -16.30 -3.35 11.00
C GLY B 71 -17.31 -4.42 10.58
N GLN B 72 -17.18 -4.93 9.37
CA GLN B 72 -18.08 -5.97 8.87
C GLN B 72 -17.75 -7.31 9.54
N PRO B 73 -18.77 -8.16 9.74
CA PRO B 73 -18.58 -9.49 10.32
C PRO B 73 -17.87 -10.41 9.33
N VAL B 74 -16.84 -11.09 9.81
CA VAL B 74 -15.96 -11.85 8.94
C VAL B 74 -15.65 -13.21 9.56
N ARG B 75 -15.18 -14.16 8.74
CA ARG B 75 -14.71 -15.43 9.27
C ARG B 75 -13.21 -15.36 9.55
N ILE B 76 -12.84 -15.73 10.78
CA ILE B 76 -11.44 -15.91 11.15
C ILE B 76 -11.17 -17.39 11.08
N TYR B 77 -10.20 -17.75 10.23
CA TYR B 77 -9.68 -19.11 10.19
C TYR B 77 -8.41 -19.09 11.00
N TYR B 78 -8.28 -20.06 11.91
CA TYR B 78 -7.15 -20.11 12.82
C TYR B 78 -6.57 -21.53 12.97
N GLU B 79 -5.32 -21.60 13.38
CA GLU B 79 -4.72 -22.86 13.79
C GLU B 79 -4.22 -22.73 15.24
N PRO B 80 -4.85 -23.45 16.20
CA PRO B 80 -4.40 -23.34 17.60
C PRO B 80 -2.99 -23.91 17.81
N GLY B 81 -2.31 -23.44 18.86
CA GLY B 81 -1.03 -24.00 19.31
C GLY B 81 0.17 -23.77 18.40
N VAL B 82 0.09 -22.76 17.52
CA VAL B 82 1.24 -22.43 16.66
C VAL B 82 2.34 -21.63 17.37
N TRP B 83 1.96 -20.58 18.10
CA TRP B 83 2.93 -19.77 18.85
C TRP B 83 3.15 -20.40 20.20
N THR B 84 4.41 -20.48 20.57
CA THR B 84 4.86 -21.30 21.68
C THR B 84 5.71 -20.56 22.71
N TYR B 85 6.16 -19.34 22.42
CA TYR B 85 7.00 -18.56 23.39
C TYR B 85 6.08 -18.20 24.53
N PRO B 86 6.27 -18.82 25.72
CA PRO B 86 5.18 -18.73 26.70
C PRO B 86 4.69 -17.33 27.08
N PRO B 87 5.58 -16.34 27.32
CA PRO B 87 5.01 -15.00 27.58
C PRO B 87 4.18 -14.39 26.44
N PHE B 88 4.46 -14.80 25.19
CA PHE B 88 3.68 -14.37 24.01
C PHE B 88 2.31 -15.02 24.02
N VAL B 89 2.27 -16.32 24.28
CA VAL B 89 1.03 -17.05 24.35
C VAL B 89 0.14 -16.49 25.46
N LYS B 90 0.75 -16.14 26.60
CA LYS B 90 0.05 -15.65 27.77
C LYS B 90 -0.63 -14.29 27.51
N ALA B 91 0.09 -13.37 26.89
CA ALA B 91 -0.37 -12.00 26.68
C ALA B 91 -1.29 -11.90 25.49
N LEU B 92 -1.11 -12.82 24.56
CA LEU B 92 -1.76 -12.80 23.26
C LEU B 92 -2.54 -14.09 23.04
N THR B 93 -1.95 -15.01 22.29
CA THR B 93 -2.58 -16.26 21.92
C THR B 93 -1.56 -17.20 21.29
N SER B 94 -1.91 -18.48 21.19
CA SER B 94 -1.10 -19.47 20.45
C SER B 94 -1.62 -19.62 19.01
N ASN B 95 -2.79 -19.01 18.76
CA ASN B 95 -3.49 -19.18 17.48
C ASN B 95 -2.80 -18.46 16.34
N ALA B 96 -2.54 -19.18 15.24
CA ALA B 96 -2.12 -18.54 14.01
C ALA B 96 -3.37 -18.15 13.18
N LEU B 97 -3.36 -16.93 12.64
CA LEU B 97 -4.40 -16.52 11.68
C LEU B 97 -3.99 -17.14 10.34
N VAL B 98 -4.92 -17.88 9.74
CA VAL B 98 -4.61 -18.68 8.56
C VAL B 98 -5.54 -18.39 7.40
N GLY B 99 -6.47 -17.47 7.60
CA GLY B 99 -7.42 -17.09 6.56
C GLY B 99 -8.48 -16.14 7.08
N LEU B 100 -9.15 -15.46 6.14
CA LEU B 100 -10.23 -14.53 6.42
C LEU B 100 -11.27 -14.64 5.30
N SER B 101 -12.55 -14.41 5.63
CA SER B 101 -13.61 -14.36 4.61
C SER B 101 -14.66 -13.35 4.97
N THR B 102 -15.30 -12.78 3.97
CA THR B 102 -16.53 -12.01 4.14
C THR B 102 -17.68 -12.95 4.52
N CYS B 103 -18.70 -12.40 5.19
CA CYS B 103 -19.83 -13.21 5.64
C CYS B 103 -21.18 -12.63 5.18
N THR B 104 -22.10 -13.52 4.90
CA THR B 104 -23.43 -13.10 4.50
C THR B 104 -24.39 -13.07 5.74
N THR B 105 -24.16 -13.96 6.71
CA THR B 105 -24.86 -13.96 8.01
C THR B 105 -23.83 -14.08 9.15
N SER B 106 -24.29 -14.34 10.38
CA SER B 106 -23.38 -14.48 11.53
C SER B 106 -22.58 -15.77 11.40
N THR B 107 -23.06 -16.65 10.54
CA THR B 107 -22.59 -18.01 10.46
C THR B 107 -22.20 -18.43 9.03
N GLU B 108 -22.86 -17.83 8.03
CA GLU B 108 -22.62 -18.14 6.63
C GLU B 108 -21.61 -17.16 6.03
N CYS B 109 -20.50 -17.69 5.56
CA CYS B 109 -19.40 -16.87 5.04
C CYS B 109 -18.85 -17.51 3.78
N PHE B 110 -18.22 -16.69 2.93
CA PHE B 110 -17.60 -17.17 1.69
C PHE B 110 -16.38 -18.04 1.96
N GLY B 111 -16.18 -19.09 1.19
CA GLY B 111 -14.99 -19.93 1.35
C GLY B 111 -15.17 -21.31 1.97
N PRO B 112 -14.04 -21.99 2.26
CA PRO B 112 -14.11 -23.31 2.86
C PRO B 112 -14.55 -23.29 4.35
N ASP B 113 -15.02 -24.43 4.85
CA ASP B 113 -15.10 -24.64 6.28
C ASP B 113 -13.69 -25.01 6.71
N ARG B 114 -13.35 -24.71 7.96
CA ARG B 114 -12.19 -25.31 8.61
C ARG B 114 -12.72 -25.88 9.90
N LYS B 115 -12.99 -27.19 9.89
CA LYS B 115 -13.48 -27.91 11.06
C LYS B 115 -13.15 -29.40 11.01
N LYS B 116 -12.85 -29.98 12.17
CA LYS B 116 -12.61 -31.44 12.24
C LYS B 116 -13.92 -32.22 12.06
N ASN B 117 -13.79 -33.43 11.54
CA ASN B 117 -14.94 -34.33 11.41
C ASN B 117 -15.53 -34.75 12.76
N GLU C 1 25.04 11.32 6.07
CA GLU C 1 23.99 12.34 5.74
C GLU C 1 22.79 12.21 6.68
N TRP C 2 21.99 13.27 6.75
CA TRP C 2 20.80 13.23 7.54
C TRP C 2 19.90 14.40 7.15
N THR C 3 18.63 14.07 6.94
CA THR C 3 17.58 15.04 6.83
C THR C 3 17.83 16.27 7.72
N GLY C 4 18.15 16.06 9.00
CA GLY C 4 18.41 17.18 9.92
C GLY C 4 19.79 17.84 9.91
N ASP C 5 20.69 17.43 9.00
CA ASP C 5 22.00 18.11 8.85
C ASP C 5 21.80 19.62 8.69
N ALA C 6 22.69 20.40 9.33
CA ALA C 6 22.63 21.86 9.30
C ALA C 6 23.06 22.42 7.94
N ARG C 7 22.16 22.28 6.96
CA ARG C 7 22.40 22.62 5.54
C ARG C 7 21.11 23.13 4.91
N ASP C 8 21.20 23.69 3.70
CA ASP C 8 19.97 23.99 2.92
C ASP C 8 19.29 22.69 2.51
N GLY C 9 17.98 22.61 2.71
CA GLY C 9 17.18 23.59 3.43
C GLY C 9 15.82 22.99 3.74
N MET C 10 14.90 23.85 4.15
CA MET C 10 13.56 23.38 4.44
C MET C 10 12.54 24.49 4.17
N PHE C 11 11.33 24.08 3.79
CA PHE C 11 10.23 25.00 3.58
C PHE C 11 9.14 24.49 4.49
N SER C 12 8.68 25.33 5.42
CA SER C 12 7.64 24.96 6.39
C SER C 12 6.25 25.44 6.00
N GLY C 13 5.21 24.73 6.47
CA GLY C 13 3.82 25.10 6.22
C GLY C 13 3.48 25.08 4.72
N VAL C 14 4.00 24.07 4.03
CA VAL C 14 3.83 23.91 2.60
C VAL C 14 2.63 23.02 2.30
N VAL C 15 1.75 23.47 1.40
CA VAL C 15 0.68 22.60 0.87
C VAL C 15 1.14 22.03 -0.46
N ILE C 16 1.19 20.69 -0.53
CA ILE C 16 1.53 19.96 -1.76
C ILE C 16 0.39 20.08 -2.75
N THR C 17 0.64 20.81 -3.83
CA THR C 17 -0.40 21.21 -4.76
C THR C 17 -0.32 20.48 -6.10
N GLN C 18 0.87 19.97 -6.43
CA GLN C 18 1.14 19.32 -7.71
C GLN C 18 1.98 18.05 -7.54
N PHE C 19 1.71 17.07 -8.39
CA PHE C 19 2.33 15.76 -8.31
C PHE C 19 2.67 15.25 -9.74
N HIS C 20 3.94 14.91 -9.95
CA HIS C 20 4.37 14.34 -11.21
C HIS C 20 5.11 13.03 -10.99
N THR C 21 4.95 12.09 -11.90
CA THR C 21 5.64 10.84 -11.80
C THR C 21 6.25 10.50 -13.18
N GLY C 22 7.52 10.13 -13.19
CA GLY C 22 8.12 9.67 -14.43
C GLY C 22 9.22 8.64 -14.23
N GLN C 23 10.05 8.47 -15.27
CA GLN C 23 11.19 7.59 -15.27
C GLN C 23 12.35 8.26 -16.05
N ILE C 24 13.58 8.09 -15.56
CA ILE C 24 14.78 8.56 -16.24
C ILE C 24 15.89 7.56 -15.99
N ASP C 25 16.58 7.17 -17.05
CA ASP C 25 17.70 6.23 -16.92
C ASP C 25 17.34 4.98 -16.05
N ASN C 26 16.19 4.35 -16.35
CA ASN C 26 15.75 3.09 -15.72
C ASN C 26 15.37 3.22 -14.23
N LYS C 27 15.15 4.45 -13.78
CA LYS C 27 14.84 4.75 -12.39
C LYS C 27 13.52 5.52 -12.30
N PRO C 28 12.51 4.96 -11.61
CA PRO C 28 11.31 5.74 -11.35
C PRO C 28 11.59 6.96 -10.45
N TYR C 29 10.90 8.06 -10.70
CA TYR C 29 11.03 9.21 -9.83
C TYR C 29 9.66 9.87 -9.67
N PHE C 30 9.54 10.71 -8.66
CA PHE C 30 8.35 11.55 -8.54
C PHE C 30 8.82 12.92 -8.11
N CYS C 31 8.00 13.90 -8.43
CA CYS C 31 8.28 15.24 -8.11
C CYS C 31 7.03 15.82 -7.49
N ILE C 32 7.21 16.71 -6.51
CA ILE C 32 6.09 17.46 -5.95
C ILE C 32 6.28 18.97 -6.09
N GLU C 33 5.18 19.70 -6.08
CA GLU C 33 5.22 21.13 -5.90
C GLU C 33 4.32 21.50 -4.75
N GLY C 34 4.79 22.40 -3.90
CA GLY C 34 3.94 22.96 -2.86
C GLY C 34 3.92 24.48 -2.80
N LYS C 35 2.87 25.01 -2.19
CA LYS C 35 2.74 26.45 -1.95
C LYS C 35 2.91 26.81 -0.47
N GLN C 36 3.62 27.88 -0.22
CA GLN C 36 3.61 28.46 1.11
C GLN C 36 2.52 29.52 1.20
N SER C 37 2.29 30.05 2.40
CA SER C 37 1.17 30.95 2.72
C SER C 37 1.07 32.19 1.82
N ALA C 38 2.22 32.69 1.37
CA ALA C 38 2.27 33.90 0.59
C ALA C 38 2.26 33.67 -0.93
N GLY C 39 2.15 32.40 -1.34
CA GLY C 39 1.98 32.04 -2.74
C GLY C 39 3.24 31.58 -3.46
N SER C 40 4.35 31.50 -2.75
CA SER C 40 5.60 31.01 -3.33
C SER C 40 5.68 29.46 -3.41
N SER C 41 6.25 28.99 -4.53
CA SER C 41 6.40 27.57 -4.82
C SER C 41 7.73 26.98 -4.36
N ILE C 42 7.67 25.74 -3.90
CA ILE C 42 8.83 24.86 -3.66
C ILE C 42 8.63 23.61 -4.56
N SER C 43 9.71 23.07 -5.12
CA SER C 43 9.66 21.80 -5.86
C SER C 43 10.81 20.93 -5.39
N ALA C 44 10.59 19.62 -5.41
CA ALA C 44 11.62 18.64 -5.00
C ALA C 44 11.27 17.26 -5.55
N CYS C 45 12.30 16.53 -5.98
CA CYS C 45 12.12 15.22 -6.59
C CYS C 45 12.81 14.13 -5.76
N SER C 46 12.19 12.96 -5.73
CA SER C 46 12.85 11.75 -5.20
C SER C 46 12.97 10.73 -6.35
N MET C 47 14.13 10.11 -6.47
CA MET C 47 14.37 9.10 -7.49
C MET C 47 14.86 7.78 -6.87
N LYS C 48 14.23 6.67 -7.25
CA LYS C 48 14.60 5.35 -6.72
C LYS C 48 16.06 4.96 -7.07
N ASN C 49 16.78 4.44 -6.07
CA ASN C 49 18.21 4.02 -6.22
C ASN C 49 19.14 5.11 -6.78
N SER C 50 18.77 6.36 -6.62
CA SER C 50 19.62 7.48 -7.04
C SER C 50 20.90 7.52 -6.19
N SER C 51 21.57 8.66 -6.28
CA SER C 51 22.65 9.04 -5.42
C SER C 51 22.31 8.79 -3.93
N VAL C 52 22.58 9.75 -3.05
CA VAL C 52 22.51 9.52 -1.60
C VAL C 52 21.08 9.43 -0.96
N TRP C 53 20.07 10.02 -1.61
CA TRP C 53 18.72 10.01 -1.02
C TRP C 53 17.75 8.95 -1.62
N GLY C 54 18.26 8.12 -2.54
CA GLY C 54 17.47 7.08 -3.19
C GLY C 54 16.81 6.05 -2.30
N ALA C 55 17.43 5.75 -1.16
CA ALA C 55 16.93 4.75 -0.19
C ALA C 55 15.60 5.12 0.47
N SER C 56 15.19 6.39 0.30
CA SER C 56 13.96 6.92 0.89
C SER C 56 12.83 7.11 -0.12
N PHE C 57 13.08 6.77 -1.37
CA PHE C 57 12.08 6.90 -2.44
C PHE C 57 10.68 6.38 -2.08
N SER C 58 10.59 5.14 -1.59
CA SER C 58 9.30 4.52 -1.29
C SER C 58 8.52 5.16 -0.18
N THR C 59 9.20 5.40 0.94
CA THR C 59 8.65 6.11 2.08
C THR C 59 8.19 7.51 1.68
N LEU C 60 9.06 8.25 0.99
CA LEU C 60 8.77 9.62 0.58
C LEU C 60 7.60 9.66 -0.37
N TYR C 61 7.56 8.71 -1.31
CA TYR C 61 6.47 8.62 -2.28
C TYR C 61 5.13 8.46 -1.58
N ASN C 62 5.06 7.50 -0.67
CA ASN C 62 3.85 7.23 0.10
C ASN C 62 3.42 8.42 0.97
N GLN C 63 4.39 8.99 1.67
CA GLN C 63 4.11 10.10 2.56
C GLN C 63 3.69 11.37 1.79
N ALA C 64 4.35 11.64 0.68
CA ALA C 64 4.02 12.79 -0.15
C ALA C 64 2.65 12.65 -0.80
N LEU C 65 2.36 11.47 -1.34
CA LEU C 65 1.02 11.22 -1.88
C LEU C 65 -0.04 11.34 -0.79
N TYR C 66 0.23 10.80 0.39
CA TYR C 66 -0.65 10.99 1.55
C TYR C 66 -0.93 12.49 1.88
N PHE C 67 0.11 13.31 2.01
CA PHE C 67 -0.06 14.73 2.31
C PHE C 67 -0.72 15.55 1.17
N TYR C 68 -0.48 15.12 -0.07
CA TYR C 68 -1.17 15.68 -1.20
C TYR C 68 -2.67 15.50 -1.05
N THR C 69 -3.07 14.30 -0.62
CA THR C 69 -4.45 13.91 -0.41
C THR C 69 -5.15 14.68 0.74
N THR C 70 -4.46 14.85 1.86
CA THR C 70 -5.06 15.56 2.98
C THR C 70 -5.09 17.10 2.78
N GLY C 71 -4.12 17.63 2.03
CA GLY C 71 -3.95 19.09 1.88
C GLY C 71 -3.45 19.80 3.13
N GLN C 72 -2.98 19.01 4.10
CA GLN C 72 -2.26 19.45 5.31
C GLN C 72 -1.09 20.34 4.97
N PRO C 73 -0.82 21.36 5.81
CA PRO C 73 0.44 22.08 5.62
C PRO C 73 1.61 21.31 6.27
N VAL C 74 2.70 21.14 5.53
CA VAL C 74 3.79 20.23 5.90
C VAL C 74 5.18 20.84 5.69
N ARG C 75 6.21 20.22 6.28
CA ARG C 75 7.58 20.67 6.04
C ARG C 75 8.21 19.84 4.94
N ILE C 76 8.72 20.51 3.92
CA ILE C 76 9.48 19.88 2.88
C ILE C 76 10.98 20.08 3.21
N TYR C 77 11.70 18.97 3.38
CA TYR C 77 13.16 19.01 3.49
C TYR C 77 13.77 18.64 2.16
N TYR C 78 14.76 19.44 1.74
CA TYR C 78 15.31 19.25 0.43
C TYR C 78 16.82 19.49 0.44
N GLU C 79 17.50 18.97 -0.56
CA GLU C 79 18.88 19.32 -0.81
C GLU C 79 19.02 19.85 -2.23
N PRO C 80 19.43 21.13 -2.38
CA PRO C 80 19.58 21.75 -3.73
C PRO C 80 20.73 21.11 -4.54
N GLY C 81 20.64 21.16 -5.87
CA GLY C 81 21.73 20.72 -6.75
C GLY C 81 22.01 19.23 -6.89
N VAL C 82 21.07 18.37 -6.49
CA VAL C 82 21.32 16.92 -6.54
C VAL C 82 21.17 16.39 -7.96
N TRP C 83 20.09 16.79 -8.64
CA TRP C 83 19.85 16.41 -10.04
C TRP C 83 20.61 17.37 -10.95
N THR C 84 21.35 16.81 -11.90
CA THR C 84 22.33 17.57 -12.70
C THR C 84 22.02 17.59 -14.20
N TYR C 85 21.13 16.69 -14.63
CA TYR C 85 20.78 16.58 -16.04
C TYR C 85 19.96 17.81 -16.43
N PRO C 86 20.52 18.71 -17.27
CA PRO C 86 19.93 20.04 -17.55
C PRO C 86 18.45 20.06 -18.00
N PRO C 87 18.05 19.21 -18.98
CA PRO C 87 16.63 19.18 -19.35
C PRO C 87 15.71 18.88 -18.15
N PHE C 88 16.15 17.96 -17.28
CA PHE C 88 15.45 17.60 -16.05
C PHE C 88 15.36 18.78 -15.07
N VAL C 89 16.50 19.38 -14.77
CA VAL C 89 16.58 20.50 -13.84
C VAL C 89 15.68 21.64 -14.36
N LYS C 90 15.68 21.85 -15.67
CA LYS C 90 14.93 22.92 -16.36
C LYS C 90 13.43 22.77 -16.22
N ALA C 91 12.95 21.57 -16.55
CA ALA C 91 11.54 21.20 -16.49
C ALA C 91 11.02 21.09 -15.07
N LEU C 92 11.91 20.66 -14.18
CA LEU C 92 11.55 20.31 -12.83
C LEU C 92 12.37 21.12 -11.83
N THR C 93 13.35 20.47 -11.22
CA THR C 93 14.17 21.13 -10.21
C THR C 93 15.44 20.30 -10.00
N SER C 94 16.42 20.91 -9.33
CA SER C 94 17.63 20.19 -8.92
C SER C 94 17.51 19.66 -7.49
N ASN C 95 16.41 20.01 -6.82
CA ASN C 95 16.20 19.64 -5.44
C ASN C 95 15.83 18.20 -5.25
N ALA C 96 16.52 17.51 -4.33
CA ALA C 96 16.10 16.19 -3.89
C ALA C 96 15.21 16.37 -2.71
N LEU C 97 14.12 15.60 -2.67
CA LEU C 97 13.29 15.50 -1.48
C LEU C 97 13.99 14.55 -0.49
N VAL C 98 14.24 15.05 0.73
CA VAL C 98 15.00 14.34 1.73
C VAL C 98 14.23 14.13 3.02
N GLY C 99 12.99 14.61 3.08
CA GLY C 99 12.20 14.46 4.28
C GLY C 99 10.89 15.21 4.29
N LEU C 100 10.00 14.83 5.23
CA LEU C 100 8.69 15.43 5.39
C LEU C 100 8.27 15.40 6.85
N SER C 101 7.64 16.48 7.30
CA SER C 101 7.01 16.50 8.62
C SER C 101 5.63 17.15 8.58
N THR C 102 4.76 16.74 9.49
CA THR C 102 3.54 17.48 9.76
C THR C 102 3.93 18.82 10.44
N CYS C 103 3.01 19.80 10.42
CA CYS C 103 3.25 21.09 11.07
C CYS C 103 2.13 21.46 12.01
N THR C 104 2.49 22.14 13.11
CA THR C 104 1.51 22.64 14.06
C THR C 104 1.07 24.07 13.66
N THR C 105 1.97 24.82 13.04
CA THR C 105 1.63 26.12 12.43
C THR C 105 2.23 26.22 11.02
N SER C 106 2.12 27.39 10.39
CA SER C 106 2.72 27.60 9.06
C SER C 106 4.25 27.63 9.16
N THR C 107 4.74 27.66 10.40
CA THR C 107 6.13 27.91 10.65
C THR C 107 6.76 26.88 11.60
N GLU C 108 5.95 26.35 12.51
CA GLU C 108 6.37 25.32 13.47
C GLU C 108 5.98 23.91 13.02
N CYS C 109 6.99 23.05 12.84
CA CYS C 109 6.77 21.71 12.37
C CYS C 109 7.54 20.67 13.18
N PHE C 110 7.03 19.44 13.16
CA PHE C 110 7.60 18.33 13.90
C PHE C 110 8.95 17.90 13.32
N GLY C 111 9.87 17.53 14.19
CA GLY C 111 11.14 17.03 13.71
C GLY C 111 12.25 18.06 13.71
N PRO C 112 13.40 17.70 13.08
CA PRO C 112 14.58 18.57 13.05
C PRO C 112 14.41 19.75 12.08
N ASP C 113 15.21 20.79 12.32
CA ASP C 113 15.39 21.83 11.33
C ASP C 113 16.34 21.27 10.31
N ARG C 114 16.19 21.69 9.06
CA ARG C 114 17.27 21.56 8.10
C ARG C 114 17.61 22.98 7.66
N LYS C 115 18.64 23.54 8.29
CA LYS C 115 18.96 24.95 8.15
C LYS C 115 20.45 25.18 8.38
N LYS C 116 21.08 25.87 7.44
CA LYS C 116 22.44 26.41 7.62
C LYS C 116 22.54 27.22 8.92
N ASN C 117 23.57 26.94 9.70
CA ASN C 117 23.86 27.79 10.85
C ASN C 117 24.19 29.21 10.40
N SER C 118 24.08 30.16 11.31
CA SER C 118 24.44 31.52 10.99
C SER C 118 25.89 31.76 11.46
N LEU C 119 26.47 32.86 10.98
CA LEU C 119 27.76 33.34 11.51
C LEU C 119 27.47 34.42 12.54
N GLU C 120 28.06 34.30 13.72
CA GLU C 120 27.87 35.29 14.78
C GLU C 120 28.84 36.45 14.56
N GLU D 1 14.25 -11.10 21.51
CA GLU D 1 13.53 -9.86 21.89
C GLU D 1 12.08 -9.93 21.45
N TRP D 2 11.25 -9.16 22.15
CA TRP D 2 9.85 -9.12 21.90
C TRP D 2 9.32 -7.80 22.42
N THR D 3 8.39 -7.22 21.65
CA THR D 3 7.58 -6.08 22.09
C THR D 3 7.12 -6.21 23.55
N GLY D 4 6.71 -7.43 23.92
CA GLY D 4 6.20 -7.63 25.28
C GLY D 4 7.22 -8.04 26.32
N ASP D 5 8.51 -7.80 26.10
CA ASP D 5 9.53 -8.04 27.13
C ASP D 5 9.29 -7.13 28.30
N ALA D 6 9.65 -7.61 29.49
CA ALA D 6 9.45 -6.88 30.75
C ALA D 6 10.48 -5.74 30.95
N ARG D 7 10.32 -4.69 30.12
CA ARG D 7 11.27 -3.57 30.00
C ARG D 7 10.54 -2.25 29.82
N ASP D 8 11.25 -1.13 29.93
CA ASP D 8 10.71 0.16 29.46
C ASP D 8 10.62 0.12 27.96
N GLY D 9 9.48 0.53 27.41
CA GLY D 9 8.31 0.89 28.19
C GLY D 9 7.12 1.03 27.25
N MET D 10 6.01 1.52 27.79
CA MET D 10 4.82 1.78 27.00
C MET D 10 4.07 3.01 27.49
N PHE D 11 3.44 3.73 26.57
CA PHE D 11 2.49 4.78 26.92
C PHE D 11 1.14 4.40 26.31
N SER D 12 0.07 4.49 27.09
CA SER D 12 -1.28 4.09 26.65
C SER D 12 -2.20 5.29 26.42
N GLY D 13 -3.25 5.07 25.62
CA GLY D 13 -4.24 6.10 25.36
C GLY D 13 -3.67 7.37 24.72
N VAL D 14 -2.68 7.20 23.85
CA VAL D 14 -2.09 8.36 23.14
C VAL D 14 -2.74 8.55 21.76
N VAL D 15 -2.96 9.80 21.39
CA VAL D 15 -3.36 10.11 20.02
C VAL D 15 -2.10 10.53 19.30
N ILE D 16 -1.80 9.86 18.18
CA ILE D 16 -0.67 10.25 17.34
C ILE D 16 -1.01 11.54 16.63
N THR D 17 -0.24 12.57 16.98
CA THR D 17 -0.52 13.90 16.51
C THR D 17 0.55 14.44 15.56
N GLN D 18 1.77 13.92 15.61
CA GLN D 18 2.83 14.39 14.71
C GLN D 18 3.56 13.23 14.02
N PHE D 19 4.03 13.48 12.80
CA PHE D 19 4.61 12.45 11.96
C PHE D 19 5.76 13.06 11.17
N HIS D 20 6.91 12.39 11.18
CA HIS D 20 8.09 12.87 10.47
C HIS D 20 8.71 11.69 9.76
N THR D 21 9.14 11.92 8.52
CA THR D 21 9.94 10.93 7.80
C THR D 21 11.25 11.54 7.23
N GLY D 22 12.35 10.82 7.38
CA GLY D 22 13.61 11.28 6.89
C GLY D 22 14.51 10.15 6.48
N GLN D 23 15.80 10.47 6.31
CA GLN D 23 16.84 9.47 6.08
C GLN D 23 18.10 9.80 6.90
N ILE D 24 18.79 8.76 7.37
CA ILE D 24 20.08 8.91 8.05
C ILE D 24 20.98 7.70 7.75
N ASP D 25 22.21 7.97 7.27
CA ASP D 25 23.19 6.91 6.96
C ASP D 25 22.60 5.80 6.09
N ASN D 26 22.02 6.20 4.96
CA ASN D 26 21.36 5.31 4.00
C ASN D 26 20.09 4.60 4.48
N LYS D 27 19.58 4.98 5.64
CA LYS D 27 18.38 4.33 6.21
C LYS D 27 17.21 5.30 6.33
N PRO D 28 16.10 4.99 5.63
CA PRO D 28 14.83 5.71 5.89
C PRO D 28 14.32 5.44 7.31
N TYR D 29 13.71 6.45 7.93
CA TYR D 29 13.11 6.29 9.24
C TYR D 29 11.85 7.17 9.29
N PHE D 30 11.04 6.96 10.32
CA PHE D 30 9.92 7.84 10.60
C PHE D 30 9.83 7.96 12.11
N CYS D 31 9.22 9.05 12.57
CA CYS D 31 9.03 9.31 13.98
C CYS D 31 7.60 9.78 14.19
N ILE D 32 7.07 9.49 15.35
CA ILE D 32 5.73 9.95 15.70
C ILE D 32 5.79 10.63 17.04
N GLU D 33 4.83 11.52 17.27
CA GLU D 33 4.63 12.07 18.60
C GLU D 33 3.15 11.96 18.95
N GLY D 34 2.86 11.65 20.20
CA GLY D 34 1.49 11.59 20.67
C GLY D 34 1.35 12.10 22.09
N LYS D 35 0.18 12.63 22.40
CA LYS D 35 -0.14 13.10 23.75
C LYS D 35 -1.24 12.25 24.37
N GLN D 36 -1.15 12.04 25.67
CA GLN D 36 -2.24 11.47 26.46
C GLN D 36 -3.29 12.53 26.79
N SER D 37 -4.44 12.11 27.32
CA SER D 37 -5.54 13.03 27.69
C SER D 37 -5.05 14.14 28.61
N ALA D 38 -4.18 13.77 29.55
CA ALA D 38 -3.64 14.68 30.55
C ALA D 38 -2.51 15.62 30.00
N GLY D 39 -2.14 15.46 28.74
CA GLY D 39 -1.15 16.36 28.10
C GLY D 39 0.28 15.83 27.98
N SER D 40 0.56 14.72 28.67
CA SER D 40 1.84 13.98 28.56
C SER D 40 2.19 13.42 27.17
N SER D 41 3.45 13.66 26.78
CA SER D 41 3.95 13.43 25.44
C SER D 41 4.91 12.22 25.35
N ILE D 42 4.90 11.55 24.20
CA ILE D 42 5.86 10.48 23.88
C ILE D 42 6.23 10.59 22.41
N SER D 43 7.54 10.49 22.12
CA SER D 43 8.09 10.37 20.77
C SER D 43 8.85 9.05 20.58
N ALA D 44 8.80 8.50 19.37
CA ALA D 44 9.50 7.24 19.03
C ALA D 44 9.75 7.15 17.54
N CYS D 45 10.91 6.63 17.16
CA CYS D 45 11.24 6.47 15.77
C CYS D 45 11.48 5.01 15.41
N SER D 46 11.22 4.72 14.14
CA SER D 46 11.54 3.42 13.57
C SER D 46 12.40 3.65 12.33
N MET D 47 13.53 2.93 12.26
CA MET D 47 14.48 3.09 11.16
C MET D 47 14.71 1.76 10.44
N LYS D 48 14.66 1.82 9.12
CA LYS D 48 14.76 0.64 8.29
C LYS D 48 16.13 -0.01 8.37
N ASN D 49 16.17 -1.32 8.65
CA ASN D 49 17.43 -2.07 8.75
C ASN D 49 18.36 -1.62 9.89
N SER D 50 17.80 -0.99 10.91
CA SER D 50 18.64 -0.47 11.97
C SER D 50 18.09 -0.81 13.31
N SER D 51 18.99 -1.45 14.07
CA SER D 51 18.85 -2.00 15.44
C SER D 51 18.27 -3.42 15.42
N VAL D 52 17.83 -3.94 16.56
CA VAL D 52 17.00 -5.14 16.60
C VAL D 52 15.67 -4.90 15.91
N TRP D 53 15.16 -3.67 16.05
CA TRP D 53 13.79 -3.33 15.68
C TRP D 53 13.63 -2.92 14.22
N GLY D 54 14.72 -3.00 13.46
CA GLY D 54 14.69 -2.68 12.03
C GLY D 54 13.74 -3.49 11.15
N ALA D 55 13.42 -4.70 11.59
CA ALA D 55 12.59 -5.66 10.83
C ALA D 55 11.10 -5.26 10.78
N SER D 56 10.73 -4.40 11.73
CA SER D 56 9.37 -3.92 11.93
C SER D 56 9.06 -2.59 11.21
N PHE D 57 10.07 -1.95 10.62
CA PHE D 57 9.93 -0.66 9.99
C PHE D 57 8.65 -0.49 9.16
N SER D 58 8.51 -1.29 8.10
CA SER D 58 7.37 -1.25 7.18
C SER D 58 6.00 -1.44 7.84
N THR D 59 5.89 -2.44 8.71
CA THR D 59 4.64 -2.71 9.44
C THR D 59 4.26 -1.56 10.35
N LEU D 60 5.25 -1.04 11.08
CA LEU D 60 5.02 0.07 11.99
C LEU D 60 4.70 1.37 11.28
N TYR D 61 5.39 1.63 10.17
CA TYR D 61 5.12 2.83 9.35
C TYR D 61 3.66 2.85 8.89
N ASN D 62 3.25 1.74 8.29
CA ASN D 62 1.88 1.49 7.88
C ASN D 62 0.84 1.65 8.99
N GLN D 63 1.10 1.07 10.15
CA GLN D 63 0.16 1.07 11.24
C GLN D 63 0.09 2.42 11.95
N ALA D 64 1.26 3.04 12.10
CA ALA D 64 1.40 4.40 12.63
C ALA D 64 0.67 5.44 11.78
N LEU D 65 0.89 5.42 10.46
CA LEU D 65 0.16 6.29 9.55
C LEU D 65 -1.36 6.05 9.54
N TYR D 66 -1.78 4.78 9.62
CA TYR D 66 -3.20 4.42 9.82
C TYR D 66 -3.80 5.11 11.05
N PHE D 67 -3.17 4.94 12.22
CA PHE D 67 -3.65 5.49 13.48
C PHE D 67 -3.54 7.02 13.55
N TYR D 68 -2.53 7.58 12.87
CA TYR D 68 -2.43 9.04 12.72
C TYR D 68 -3.66 9.55 11.93
N THR D 69 -4.07 8.78 10.93
CA THR D 69 -5.28 9.08 10.14
C THR D 69 -6.60 9.03 10.94
N THR D 70 -6.85 7.93 11.66
CA THR D 70 -8.08 7.81 12.46
C THR D 70 -8.10 8.71 13.69
N GLY D 71 -6.92 8.93 14.28
CA GLY D 71 -6.76 9.78 15.43
C GLY D 71 -7.31 9.12 16.69
N GLN D 72 -7.40 7.80 16.68
CA GLN D 72 -7.83 7.01 17.84
C GLN D 72 -6.68 6.87 18.83
N PRO D 73 -6.99 6.73 20.14
CA PRO D 73 -5.99 6.53 21.17
C PRO D 73 -5.38 5.16 21.09
N VAL D 74 -4.06 5.12 21.03
CA VAL D 74 -3.33 3.88 20.88
C VAL D 74 -2.25 3.79 21.95
N ARG D 75 -1.69 2.61 22.08
CA ARG D 75 -0.54 2.39 22.93
C ARG D 75 0.71 2.39 22.08
N ILE D 76 1.66 3.25 22.47
CA ILE D 76 3.01 3.24 21.93
C ILE D 76 3.90 2.37 22.81
N TYR D 77 4.44 1.31 22.22
CA TYR D 77 5.54 0.54 22.81
C TYR D 77 6.88 1.09 22.31
N TYR D 78 7.83 1.31 23.21
CA TYR D 78 9.12 1.91 22.80
C TYR D 78 10.27 1.32 23.59
N GLU D 79 11.49 1.47 23.08
CA GLU D 79 12.68 1.16 23.85
C GLU D 79 13.61 2.39 23.92
N PRO D 80 13.78 2.96 25.13
CA PRO D 80 14.66 4.13 25.22
C PRO D 80 16.13 3.79 24.93
N GLY D 81 16.86 4.78 24.43
CA GLY D 81 18.31 4.71 24.34
C GLY D 81 18.87 3.99 23.14
N VAL D 82 18.03 3.75 22.15
CA VAL D 82 18.44 3.01 20.96
C VAL D 82 19.19 3.92 19.98
N TRP D 83 18.65 5.11 19.73
CA TRP D 83 19.30 6.05 18.81
C TRP D 83 20.31 6.84 19.64
N THR D 84 21.49 7.05 19.08
CA THR D 84 22.62 7.60 19.86
C THR D 84 23.31 8.82 19.24
N TYR D 85 23.15 9.01 17.92
CA TYR D 85 23.67 10.19 17.20
C TYR D 85 23.07 11.43 17.85
N PRO D 86 23.92 12.26 18.53
CA PRO D 86 23.36 13.31 19.39
C PRO D 86 22.43 14.37 18.73
N PRO D 87 22.76 14.86 17.50
CA PRO D 87 21.83 15.74 16.76
C PRO D 87 20.45 15.12 16.58
N PHE D 88 20.43 13.87 16.10
CA PHE D 88 19.20 13.09 15.96
C PHE D 88 18.42 13.02 17.28
N VAL D 89 19.08 12.62 18.37
CA VAL D 89 18.40 12.48 19.69
C VAL D 89 17.78 13.81 20.18
N LYS D 90 18.52 14.90 19.97
CA LYS D 90 18.12 16.25 20.43
C LYS D 90 16.92 16.76 19.66
N ALA D 91 16.99 16.65 18.33
CA ALA D 91 15.91 17.02 17.43
C ALA D 91 14.66 16.14 17.60
N LEU D 92 14.87 14.86 17.95
CA LEU D 92 13.81 13.85 17.93
C LEU D 92 13.72 13.07 19.25
N THR D 93 14.42 11.94 19.33
CA THR D 93 14.34 11.04 20.48
C THR D 93 15.38 9.94 20.37
N SER D 94 15.71 9.31 21.49
CA SER D 94 16.48 8.06 21.48
C SER D 94 15.57 6.82 21.37
N ASN D 95 14.27 7.01 21.65
CA ASN D 95 13.31 5.89 21.70
C ASN D 95 13.07 5.27 20.36
N ALA D 96 13.27 3.95 20.29
CA ALA D 96 12.80 3.17 19.16
C ALA D 96 11.31 2.82 19.34
N LEU D 97 10.56 2.84 18.24
CA LEU D 97 9.20 2.36 18.23
C LEU D 97 9.24 0.87 18.01
N VAL D 98 8.58 0.13 18.91
CA VAL D 98 8.72 -1.35 18.94
C VAL D 98 7.40 -2.11 18.85
N GLY D 99 6.28 -1.39 18.92
CA GLY D 99 4.99 -1.98 18.60
C GLY D 99 3.89 -0.95 18.74
N LEU D 100 2.66 -1.32 18.39
CA LEU D 100 1.46 -0.47 18.48
C LEU D 100 0.22 -1.30 18.82
N SER D 101 -0.75 -0.71 19.52
CA SER D 101 -2.01 -1.39 19.87
C SER D 101 -3.18 -0.45 19.91
N THR D 102 -4.36 -0.91 19.48
CA THR D 102 -5.59 -0.16 19.76
C THR D 102 -5.84 -0.20 21.27
N CYS D 103 -6.64 0.74 21.76
CA CYS D 103 -6.98 0.81 23.19
C CYS D 103 -8.48 0.81 23.39
N THR D 104 -8.96 0.22 24.49
CA THR D 104 -10.39 0.32 24.84
C THR D 104 -10.62 1.47 25.84
N THR D 105 -9.64 1.71 26.71
CA THR D 105 -9.64 2.87 27.60
C THR D 105 -8.29 3.55 27.53
N SER D 106 -8.05 4.52 28.42
CA SER D 106 -6.81 5.28 28.40
C SER D 106 -5.65 4.52 29.03
N THR D 107 -5.97 3.47 29.78
CA THR D 107 -4.95 2.60 30.37
C THR D 107 -4.96 1.16 29.84
N GLU D 108 -6.12 0.71 29.34
CA GLU D 108 -6.30 -0.66 28.87
C GLU D 108 -6.29 -0.77 27.33
N CYS D 109 -5.25 -1.42 26.81
CA CYS D 109 -5.06 -1.61 25.38
C CYS D 109 -4.84 -3.07 25.05
N PHE D 110 -5.03 -3.43 23.77
CA PHE D 110 -4.86 -4.81 23.30
C PHE D 110 -3.39 -5.19 23.19
N GLY D 111 -3.02 -6.33 23.74
CA GLY D 111 -1.64 -6.78 23.62
C GLY D 111 -0.92 -6.91 24.94
N PRO D 112 0.39 -7.19 24.88
CA PRO D 112 1.23 -7.35 26.07
C PRO D 112 1.49 -6.04 26.84
N ASP D 113 1.81 -6.18 28.11
CA ASP D 113 2.41 -5.09 28.84
C ASP D 113 3.89 -5.07 28.44
N ARG D 114 4.48 -3.89 28.43
CA ARG D 114 5.91 -3.76 28.30
C ARG D 114 6.34 -2.88 29.48
N LYS D 115 6.50 -3.49 30.65
CA LYS D 115 6.98 -2.80 31.88
C LYS D 115 8.15 -3.52 32.55
N LYS D 116 9.11 -2.75 33.10
CA LYS D 116 10.12 -3.31 34.03
C LYS D 116 9.41 -4.02 35.20
N ASN D 117 9.81 -5.25 35.50
CA ASN D 117 9.23 -6.03 36.61
C ASN D 117 9.47 -5.42 37.99
N GLU E 1 1.24 -16.69 -22.79
CA GLU E 1 -0.18 -16.67 -22.35
C GLU E 1 -0.58 -15.20 -22.14
N TRP E 2 -1.88 -14.95 -22.18
CA TRP E 2 -2.40 -13.60 -22.07
C TRP E 2 -3.85 -13.65 -21.61
N THR E 3 -4.20 -12.71 -20.71
CA THR E 3 -5.58 -12.38 -20.38
C THR E 3 -6.50 -12.41 -21.62
N GLY E 4 -6.02 -11.84 -22.73
CA GLY E 4 -6.85 -11.73 -23.93
C GLY E 4 -6.85 -12.88 -24.93
N ASP E 5 -6.27 -14.04 -24.56
CA ASP E 5 -6.25 -15.22 -25.44
C ASP E 5 -7.65 -15.69 -25.73
N ALA E 6 -7.82 -16.31 -26.89
CA ALA E 6 -9.15 -16.72 -27.37
C ALA E 6 -9.58 -18.03 -26.68
N ARG E 7 -10.02 -17.88 -25.42
CA ARG E 7 -10.37 -18.99 -24.51
C ARG E 7 -11.50 -18.58 -23.56
N ASP E 8 -12.10 -19.55 -22.87
CA ASP E 8 -12.94 -19.23 -21.73
C ASP E 8 -12.09 -18.66 -20.61
N GLY E 9 -12.54 -17.58 -19.99
CA GLY E 9 -13.74 -16.85 -20.39
C GLY E 9 -13.78 -15.55 -19.61
N MET E 10 -14.94 -14.90 -19.63
CA MET E 10 -15.15 -13.62 -18.93
C MET E 10 -16.62 -13.42 -18.66
N PHE E 11 -16.93 -12.79 -17.53
CA PHE E 11 -18.28 -12.37 -17.17
C PHE E 11 -18.22 -10.86 -16.98
N SER E 12 -19.03 -10.13 -17.73
CA SER E 12 -19.06 -8.68 -17.69
C SER E 12 -20.17 -8.17 -16.74
N GLY E 13 -20.05 -6.93 -16.27
CA GLY E 13 -21.01 -6.35 -15.34
C GLY E 13 -21.23 -7.15 -14.07
N VAL E 14 -20.14 -7.58 -13.46
CA VAL E 14 -20.17 -8.34 -12.21
C VAL E 14 -19.78 -7.44 -11.04
N VAL E 15 -20.61 -7.45 -10.00
CA VAL E 15 -20.29 -6.79 -8.74
C VAL E 15 -19.68 -7.82 -7.79
N ILE E 16 -18.46 -7.54 -7.34
CA ILE E 16 -17.72 -8.43 -6.44
C ILE E 16 -18.34 -8.28 -5.07
N THR E 17 -18.96 -9.36 -4.60
CA THR E 17 -19.78 -9.35 -3.38
C THR E 17 -19.17 -10.15 -2.22
N GLN E 18 -18.32 -11.12 -2.53
CA GLN E 18 -17.67 -11.96 -1.51
C GLN E 18 -16.13 -12.00 -1.69
N PHE E 19 -15.40 -12.12 -0.59
CA PHE E 19 -13.94 -12.11 -0.63
C PHE E 19 -13.40 -13.09 0.40
N HIS E 20 -12.48 -13.93 -0.05
CA HIS E 20 -11.81 -14.89 0.83
C HIS E 20 -10.30 -14.86 0.59
N THR E 21 -9.55 -15.02 1.67
CA THR E 21 -8.12 -15.02 1.62
C THR E 21 -7.59 -16.24 2.42
N GLY E 22 -6.61 -16.96 1.90
CA GLY E 22 -6.08 -18.10 2.60
C GLY E 22 -4.68 -18.47 2.15
N GLN E 23 -4.26 -19.66 2.55
CA GLN E 23 -2.98 -20.21 2.11
C GLN E 23 -3.15 -21.70 1.86
N ILE E 24 -2.52 -22.16 0.79
CA ILE E 24 -2.42 -23.58 0.50
C ILE E 24 -1.01 -23.86 -0.02
N ASP E 25 -0.41 -24.96 0.45
CA ASP E 25 0.95 -25.39 0.04
C ASP E 25 1.99 -24.28 0.04
N ASN E 26 2.01 -23.49 1.11
CA ASN E 26 2.96 -22.38 1.31
C ASN E 26 2.77 -21.18 0.38
N LYS E 27 1.60 -21.10 -0.25
CA LYS E 27 1.28 -19.97 -1.12
C LYS E 27 -0.02 -19.28 -0.70
N PRO E 28 0.04 -17.95 -0.50
CA PRO E 28 -1.21 -17.20 -0.28
C PRO E 28 -2.09 -17.17 -1.54
N TYR E 29 -3.40 -17.18 -1.34
CA TYR E 29 -4.36 -17.02 -2.41
C TYR E 29 -5.53 -16.15 -1.93
N PHE E 30 -6.27 -15.58 -2.87
CA PHE E 30 -7.55 -14.98 -2.56
C PHE E 30 -8.57 -15.45 -3.59
N CYS E 31 -9.84 -15.46 -3.19
CA CYS E 31 -10.95 -15.79 -4.09
C CYS E 31 -12.02 -14.72 -4.01
N ILE E 32 -12.66 -14.47 -5.14
CA ILE E 32 -13.78 -13.52 -5.18
C ILE E 32 -15.02 -14.20 -5.75
N GLU E 33 -16.20 -13.72 -5.37
CA GLU E 33 -17.43 -14.15 -5.99
C GLU E 33 -18.17 -12.90 -6.33
N GLY E 34 -18.90 -12.94 -7.44
CA GLY E 34 -19.75 -11.85 -7.85
C GLY E 34 -20.94 -12.29 -8.67
N LYS E 35 -21.92 -11.40 -8.77
CA LYS E 35 -23.17 -11.67 -9.46
C LYS E 35 -23.37 -10.59 -10.50
N GLN E 36 -23.99 -10.96 -11.62
CA GLN E 36 -24.29 -9.98 -12.64
C GLN E 36 -25.74 -9.62 -12.85
N SER E 37 -26.40 -9.03 -11.85
CA SER E 37 -27.72 -8.34 -11.99
C SER E 37 -28.90 -9.27 -12.28
N ALA E 38 -28.80 -10.00 -13.39
CA ALA E 38 -29.64 -11.20 -13.64
C ALA E 38 -29.37 -12.31 -12.61
N GLY E 39 -28.38 -12.08 -11.74
CA GLY E 39 -28.02 -12.98 -10.62
C GLY E 39 -27.17 -14.21 -11.00
N SER E 40 -26.77 -14.32 -12.27
CA SER E 40 -25.75 -15.31 -12.65
C SER E 40 -24.44 -15.04 -11.88
N SER E 41 -23.75 -16.11 -11.48
CA SER E 41 -22.67 -16.05 -10.49
C SER E 41 -21.30 -16.52 -11.03
N ILE E 42 -20.20 -15.90 -10.56
CA ILE E 42 -18.85 -16.32 -10.95
C ILE E 42 -17.83 -16.31 -9.78
N SER E 43 -17.07 -17.40 -9.60
CA SER E 43 -15.98 -17.47 -8.63
C SER E 43 -14.65 -17.63 -9.36
N ALA E 44 -13.60 -17.00 -8.81
CA ALA E 44 -12.23 -17.14 -9.34
C ALA E 44 -11.19 -16.85 -8.25
N CYS E 45 -10.11 -17.62 -8.24
CA CYS E 45 -9.05 -17.44 -7.28
C CYS E 45 -7.75 -17.07 -7.98
N SER E 46 -6.96 -16.25 -7.30
CA SER E 46 -5.59 -16.00 -7.68
C SER E 46 -4.67 -16.49 -6.56
N MET E 47 -3.59 -17.17 -6.93
CA MET E 47 -2.66 -17.74 -5.94
C MET E 47 -1.21 -17.34 -6.29
N LYS E 48 -0.50 -16.82 -5.30
CA LYS E 48 0.87 -16.39 -5.50
C LYS E 48 1.77 -17.57 -5.85
N ASN E 49 2.59 -17.37 -6.88
CA ASN E 49 3.62 -18.34 -7.30
C ASN E 49 3.09 -19.65 -7.86
N SER E 50 1.89 -19.62 -8.41
CA SER E 50 1.39 -20.76 -9.18
C SER E 50 2.06 -20.73 -10.57
N SER E 51 2.16 -21.91 -11.20
CA SER E 51 2.94 -21.99 -12.44
C SER E 51 2.57 -20.90 -13.46
N VAL E 52 1.30 -20.75 -13.82
CA VAL E 52 0.99 -19.81 -14.94
C VAL E 52 0.53 -18.39 -14.58
N TRP E 53 -0.52 -18.26 -13.77
CA TRP E 53 -1.07 -16.94 -13.45
C TRP E 53 -0.60 -16.35 -12.14
N GLY E 54 0.43 -16.95 -11.52
CA GLY E 54 0.91 -16.55 -10.21
C GLY E 54 1.54 -15.17 -10.18
N ALA E 55 2.08 -14.73 -11.33
CA ALA E 55 2.77 -13.45 -11.45
C ALA E 55 1.83 -12.27 -11.19
N SER E 56 0.54 -12.46 -11.40
CA SER E 56 -0.41 -11.37 -11.24
C SER E 56 -1.21 -11.35 -9.93
N PHE E 57 -0.88 -12.24 -8.99
CA PHE E 57 -1.52 -12.29 -7.66
C PHE E 57 -1.69 -10.94 -6.95
N SER E 58 -0.61 -10.18 -6.80
CA SER E 58 -0.67 -9.04 -5.90
C SER E 58 -1.31 -7.81 -6.56
N THR E 59 -1.15 -7.72 -7.88
CA THR E 59 -1.87 -6.78 -8.70
C THR E 59 -3.37 -7.08 -8.76
N LEU E 60 -3.75 -8.33 -9.01
CA LEU E 60 -5.16 -8.71 -8.97
C LEU E 60 -5.80 -8.59 -7.57
N TYR E 61 -5.02 -8.86 -6.52
CA TYR E 61 -5.48 -8.76 -5.15
C TYR E 61 -5.88 -7.33 -4.87
N ASN E 62 -4.96 -6.41 -5.19
CA ASN E 62 -5.15 -5.01 -4.99
C ASN E 62 -6.35 -4.50 -5.73
N GLN E 63 -6.43 -4.83 -7.02
CA GLN E 63 -7.50 -4.42 -7.92
C GLN E 63 -8.90 -4.97 -7.50
N ALA E 64 -8.94 -6.24 -7.11
CA ALA E 64 -10.21 -6.90 -6.71
C ALA E 64 -10.74 -6.34 -5.39
N LEU E 65 -9.84 -6.04 -4.46
CA LEU E 65 -10.26 -5.47 -3.20
C LEU E 65 -10.75 -4.05 -3.43
N TYR E 66 -10.05 -3.32 -4.31
CA TYR E 66 -10.47 -2.00 -4.74
C TYR E 66 -11.90 -2.04 -5.29
N PHE E 67 -12.17 -2.97 -6.22
CA PHE E 67 -13.50 -3.19 -6.82
C PHE E 67 -14.60 -3.72 -5.88
N TYR E 68 -14.23 -4.60 -4.94
CA TYR E 68 -15.08 -4.99 -3.81
C TYR E 68 -15.52 -3.76 -2.99
N THR E 69 -14.57 -2.85 -2.74
CA THR E 69 -14.82 -1.60 -2.00
C THR E 69 -15.79 -0.59 -2.70
N THR E 70 -15.54 -0.28 -3.98
CA THR E 70 -16.44 0.62 -4.74
C THR E 70 -17.78 -0.03 -5.08
N GLY E 71 -17.77 -1.34 -5.24
CA GLY E 71 -19.00 -2.05 -5.61
C GLY E 71 -19.45 -1.85 -7.05
N GLN E 72 -18.55 -1.36 -7.90
CA GLN E 72 -18.87 -1.09 -9.30
C GLN E 72 -18.93 -2.41 -10.10
N PRO E 73 -19.77 -2.46 -11.15
CA PRO E 73 -19.82 -3.62 -12.03
C PRO E 73 -18.55 -3.65 -12.88
N VAL E 74 -17.89 -4.81 -12.87
CA VAL E 74 -16.60 -5.00 -13.55
C VAL E 74 -16.62 -6.33 -14.35
N ARG E 75 -15.59 -6.53 -15.16
CA ARG E 75 -15.41 -7.78 -15.86
C ARG E 75 -14.42 -8.64 -15.11
N ILE E 76 -14.75 -9.92 -14.95
CA ILE E 76 -13.87 -10.93 -14.40
C ILE E 76 -13.35 -11.83 -15.54
N TYR E 77 -12.05 -11.80 -15.80
CA TYR E 77 -11.40 -12.75 -16.70
C TYR E 77 -10.96 -13.96 -15.88
N TYR E 78 -11.32 -15.15 -16.35
CA TYR E 78 -10.98 -16.37 -15.65
C TYR E 78 -10.47 -17.42 -16.61
N GLU E 79 -9.78 -18.42 -16.08
CA GLU E 79 -9.47 -19.65 -16.80
C GLU E 79 -9.95 -20.85 -15.96
N PRO E 80 -10.95 -21.60 -16.46
CA PRO E 80 -11.41 -22.78 -15.76
C PRO E 80 -10.39 -23.92 -15.71
N GLY E 81 -10.44 -24.71 -14.65
CA GLY E 81 -9.72 -25.97 -14.59
C GLY E 81 -8.29 -25.84 -14.13
N VAL E 82 -7.92 -24.66 -13.64
CA VAL E 82 -6.57 -24.39 -13.16
C VAL E 82 -6.27 -25.03 -11.77
N TRP E 83 -7.19 -24.89 -10.81
CA TRP E 83 -6.98 -25.51 -9.48
C TRP E 83 -7.50 -26.94 -9.53
N THR E 84 -6.67 -27.88 -9.09
CA THR E 84 -6.94 -29.32 -9.26
C THR E 84 -7.10 -30.07 -7.94
N TYR E 85 -6.60 -29.51 -6.83
CA TYR E 85 -6.77 -30.14 -5.53
C TYR E 85 -8.26 -30.19 -5.20
N PRO E 86 -8.84 -31.42 -5.12
CA PRO E 86 -10.32 -31.57 -5.08
C PRO E 86 -11.11 -30.85 -3.95
N PRO E 87 -10.65 -30.91 -2.67
CA PRO E 87 -11.33 -30.15 -1.60
C PRO E 87 -11.34 -28.63 -1.82
N PHE E 88 -10.25 -28.07 -2.36
CA PHE E 88 -10.18 -26.66 -2.77
C PHE E 88 -11.23 -26.34 -3.85
N VAL E 89 -11.30 -27.17 -4.88
CA VAL E 89 -12.24 -27.00 -5.99
C VAL E 89 -13.68 -27.08 -5.48
N LYS E 90 -13.93 -28.01 -4.56
CA LYS E 90 -15.25 -28.23 -4.00
C LYS E 90 -15.69 -27.04 -3.14
N ALA E 91 -14.78 -26.52 -2.32
CA ALA E 91 -15.11 -25.41 -1.44
C ALA E 91 -15.17 -24.06 -2.16
N LEU E 92 -14.36 -23.94 -3.19
CA LEU E 92 -14.20 -22.66 -3.86
C LEU E 92 -14.47 -22.78 -5.36
N THR E 93 -13.43 -23.03 -6.14
CA THR E 93 -13.57 -23.11 -7.60
C THR E 93 -12.29 -23.61 -8.23
N SER E 94 -12.39 -24.10 -9.46
CA SER E 94 -11.21 -24.42 -10.29
C SER E 94 -10.67 -23.21 -11.06
N ASN E 95 -11.49 -22.17 -11.17
CA ASN E 95 -11.17 -20.98 -11.97
C ASN E 95 -10.04 -20.15 -11.41
N ALA E 96 -9.02 -19.90 -12.26
CA ALA E 96 -8.03 -18.88 -11.97
C ALA E 96 -8.57 -17.50 -12.38
N LEU E 97 -8.36 -16.49 -11.54
CA LEU E 97 -8.64 -15.11 -11.87
C LEU E 97 -7.43 -14.62 -12.66
N VAL E 98 -7.73 -14.04 -13.80
CA VAL E 98 -6.77 -13.85 -14.88
C VAL E 98 -6.66 -12.37 -15.31
N GLY E 99 -7.62 -11.59 -14.83
CA GLY E 99 -7.70 -10.19 -15.21
C GLY E 99 -8.97 -9.53 -14.72
N LEU E 100 -8.97 -8.20 -14.74
CA LEU E 100 -10.08 -7.37 -14.24
C LEU E 100 -10.21 -6.15 -15.10
N SER E 101 -11.46 -5.70 -15.30
CA SER E 101 -11.74 -4.45 -16.05
C SER E 101 -12.89 -3.69 -15.46
N THR E 102 -12.78 -2.36 -15.52
CA THR E 102 -13.93 -1.50 -15.34
C THR E 102 -14.88 -1.68 -16.54
N CYS E 103 -16.18 -1.42 -16.35
CA CYS E 103 -17.18 -1.57 -17.41
C CYS E 103 -17.96 -0.29 -17.66
N THR E 104 -18.34 -0.07 -18.91
CA THR E 104 -19.17 1.08 -19.25
C THR E 104 -20.64 0.66 -19.28
N THR E 105 -20.87 -0.60 -19.64
CA THR E 105 -22.20 -1.20 -19.56
C THR E 105 -22.08 -2.62 -18.99
N SER E 106 -23.23 -3.28 -18.84
CA SER E 106 -23.28 -4.62 -18.30
C SER E 106 -22.58 -5.63 -19.22
N THR E 107 -22.35 -5.26 -20.48
CA THR E 107 -21.71 -6.13 -21.47
C THR E 107 -20.40 -5.55 -22.03
N GLU E 108 -20.27 -4.22 -22.06
CA GLU E 108 -19.04 -3.60 -22.57
C GLU E 108 -18.11 -3.09 -21.47
N CYS E 109 -16.87 -3.58 -21.53
CA CYS E 109 -15.87 -3.30 -20.52
C CYS E 109 -14.55 -3.04 -21.21
N PHE E 110 -13.67 -2.33 -20.51
CA PHE E 110 -12.34 -1.97 -21.02
C PHE E 110 -11.41 -3.16 -21.20
N GLY E 111 -10.89 -3.32 -22.41
CA GLY E 111 -9.82 -4.25 -22.64
C GLY E 111 -10.23 -5.35 -23.59
N PRO E 112 -9.42 -6.42 -23.63
CA PRO E 112 -9.62 -7.48 -24.61
C PRO E 112 -10.88 -8.30 -24.26
N ASP E 113 -11.41 -9.01 -25.25
CA ASP E 113 -12.32 -10.11 -24.96
C ASP E 113 -11.47 -11.31 -24.61
N ARG E 114 -11.95 -12.13 -23.68
CA ARG E 114 -11.44 -13.47 -23.53
C ARG E 114 -12.61 -14.35 -23.91
N LYS E 115 -12.56 -14.84 -25.16
CA LYS E 115 -13.69 -15.48 -25.79
C LYS E 115 -13.19 -16.64 -26.63
N LYS E 116 -13.72 -17.83 -26.37
CA LYS E 116 -13.40 -19.06 -27.11
C LYS E 116 -14.03 -19.12 -28.50
#